data_5UT2
#
_entry.id   5UT2
#
_cell.length_a   44.243
_cell.length_b   57.241
_cell.length_c   61.184
_cell.angle_alpha   90.00
_cell.angle_beta   110.63
_cell.angle_gamma   90.00
#
_symmetry.space_group_name_H-M   'P 1 21 1'
#
loop_
_entity.id
_entity.type
_entity.pdbx_description
1 polymer 'Tyrosine-protein kinase JAK2'
2 non-polymer GLYCEROL
3 non-polymer 2-{[(1R,2S)-2-aminocyclohexyl]amino}-4-{[3-(2H-1,2,3-triazol-2-yl)phenyl]amino}pyrimidine-5-carboxamide
4 non-polymer 'ACETATE ION'
5 water water
#
_entity_poly.entity_id   1
_entity_poly.type   'polypeptide(L)'
_entity_poly.pdbx_seq_one_letter_code
;VFHKIRNEDLIFNESLGQGTFTKIFKGVRREVGDYGQLHETEVLLKVLDKAHRNYSESFFEAASMMSKLSHKHLVLNYGV
CVCGDENILVQEFVKFGSLDTYLKKNKNCINILWKLEVAKQLAAAMHFLEENTLIHGNVCAKNILLIREEDRKTGNPPFI
KLSDPGISITVLPKDILQERIPWVPPECIENPKNLNLATDKWSFGTTLWEICSGGDKPLSALDSQRKLQFYEDRHQLPAP
KAAELANLINNCMDYEPDHRPSFRAIIRDLNSLFTPDLVPRGSHHHHHH
;
_entity_poly.pdbx_strand_id   A
#
# COMPACT_ATOMS: atom_id res chain seq x y z
N VAL A 1 -12.75 0.48 18.63
CA VAL A 1 -11.60 1.34 18.39
C VAL A 1 -11.97 2.49 17.45
N PHE A 2 -12.59 2.18 16.31
CA PHE A 2 -12.84 3.18 15.29
C PHE A 2 -14.00 4.09 15.66
N HIS A 3 -13.85 5.37 15.34
CA HIS A 3 -14.96 6.30 15.43
C HIS A 3 -16.07 5.87 14.48
N LYS A 4 -17.31 5.84 14.98
CA LYS A 4 -18.43 5.39 14.17
C LYS A 4 -19.03 6.61 13.47
N ILE A 5 -19.16 6.52 12.16
CA ILE A 5 -19.71 7.59 11.34
C ILE A 5 -21.10 7.16 10.87
N ARG A 6 -22.08 8.05 11.06
CA ARG A 6 -23.44 7.77 10.61
C ARG A 6 -23.54 7.73 9.10
N ASN A 7 -24.28 6.74 8.59
CA ASN A 7 -24.56 6.70 7.16
C ASN A 7 -25.14 8.02 6.68
N GLU A 8 -26.00 8.65 7.48
CA GLU A 8 -26.63 9.90 7.03
C GLU A 8 -25.61 11.02 6.81
N ASP A 9 -24.42 10.91 7.40
CA ASP A 9 -23.43 11.96 7.24
C ASP A 9 -22.52 11.72 6.04
N LEU A 10 -22.76 10.67 5.27
CA LEU A 10 -21.92 10.30 4.15
C LEU A 10 -22.69 10.41 2.85
N ILE A 11 -22.09 11.02 1.84
CA ILE A 11 -22.61 11.03 0.48
C ILE A 11 -21.67 10.20 -0.37
N PHE A 12 -22.22 9.20 -1.05
CA PHE A 12 -21.41 8.41 -1.99
C PHE A 12 -21.46 9.04 -3.37
N ASN A 13 -20.28 9.28 -3.95
CA ASN A 13 -20.22 9.76 -5.33
C ASN A 13 -19.53 8.71 -6.20
N GLU A 14 -18.65 9.09 -7.13
CA GLU A 14 -18.31 8.16 -8.20
C GLU A 14 -17.52 6.97 -7.69
N SER A 15 -17.73 5.83 -8.36
CA SER A 15 -16.85 4.69 -8.14
C SER A 15 -15.46 4.99 -8.69
N LEU A 16 -14.44 4.67 -7.91
CA LEU A 16 -13.06 4.83 -8.34
C LEU A 16 -12.41 3.51 -8.74
N GLY A 17 -13.02 2.40 -8.37
CA GLY A 17 -12.54 1.11 -8.79
C GLY A 17 -12.86 0.06 -7.75
N GLN A 18 -12.08 -1.02 -7.79
CA GLN A 18 -12.34 -2.16 -6.93
C GLN A 18 -11.05 -2.59 -6.26
N GLY A 19 -11.17 -3.09 -5.04
CA GLY A 19 -10.08 -3.80 -4.40
C GLY A 19 -10.44 -5.27 -4.21
N THR A 20 -9.65 -5.95 -3.39
CA THR A 20 -9.94 -7.34 -3.11
C THR A 20 -11.19 -7.43 -2.22
N PHE A 21 -12.31 -7.89 -2.82
CA PHE A 21 -13.61 -8.00 -2.18
C PHE A 21 -14.19 -6.65 -1.77
N THR A 22 -13.74 -5.56 -2.39
CA THR A 22 -14.21 -4.23 -2.03
C THR A 22 -14.56 -3.42 -3.28
N LYS A 23 -15.39 -2.42 -3.08
CA LYS A 23 -15.64 -1.38 -4.07
C LYS A 23 -15.30 -0.04 -3.43
N ILE A 24 -14.68 0.83 -4.21
CA ILE A 24 -14.08 2.05 -3.68
CA ILE A 24 -14.06 2.06 -3.70
C ILE A 24 -14.71 3.26 -4.37
N PHE A 25 -15.09 4.26 -3.57
CA PHE A 25 -15.82 5.43 -4.06
C PHE A 25 -15.19 6.71 -3.54
N LYS A 26 -15.35 7.79 -4.32
CA LYS A 26 -15.16 9.12 -3.75
C LYS A 26 -16.46 9.54 -3.06
N GLY A 27 -16.34 10.22 -1.90
CA GLY A 27 -17.54 10.70 -1.24
C GLY A 27 -17.31 11.97 -0.44
N VAL A 28 -18.33 12.36 0.31
CA VAL A 28 -18.29 13.55 1.15
C VAL A 28 -18.76 13.15 2.53
N ARG A 29 -18.08 13.64 3.55
CA ARG A 29 -18.54 13.46 4.91
C ARG A 29 -18.91 14.83 5.48
N ARG A 30 -20.16 14.97 5.94
CA ARG A 30 -20.56 16.15 6.69
C ARG A 30 -20.13 15.97 8.13
N GLU A 31 -19.43 16.97 8.70
CA GLU A 31 -18.95 16.84 10.06
C GLU A 31 -18.80 18.20 10.71
N VAL A 32 -18.70 18.18 12.03
CA VAL A 32 -18.32 19.35 12.80
C VAL A 32 -16.83 19.24 13.09
N GLY A 33 -16.08 20.28 12.73
CA GLY A 33 -14.64 20.29 12.91
C GLY A 33 -14.21 21.20 14.05
N ASP A 34 -12.95 21.62 14.02
CA ASP A 34 -12.42 22.50 15.05
C ASP A 34 -13.28 23.76 15.19
N TYR A 35 -13.37 24.25 16.42
CA TYR A 35 -14.09 25.47 16.74
C TYR A 35 -15.58 25.39 16.40
N GLY A 36 -16.08 24.17 16.25
CA GLY A 36 -17.48 23.96 15.86
C GLY A 36 -17.83 24.34 14.44
N GLN A 37 -16.84 24.53 13.57
CA GLN A 37 -17.11 24.84 12.17
C GLN A 37 -17.67 23.62 11.45
N LEU A 38 -18.74 23.81 10.69
CA LEU A 38 -19.28 22.76 9.85
C LEU A 38 -18.46 22.59 8.57
N HIS A 39 -18.15 21.34 8.23
CA HIS A 39 -17.36 20.99 7.05
C HIS A 39 -18.06 19.94 6.23
N GLU A 40 -17.84 19.99 4.92
CA GLU A 40 -18.20 18.90 4.02
C GLU A 40 -16.88 18.46 3.40
N THR A 41 -16.36 17.33 3.88
CA THR A 41 -14.99 16.90 3.65
C THR A 41 -14.95 15.80 2.60
N GLU A 42 -14.06 15.94 1.61
CA GLU A 42 -13.86 14.85 0.65
C GLU A 42 -13.26 13.64 1.34
N VAL A 43 -13.82 12.45 1.08
CA VAL A 43 -13.36 11.23 1.71
C VAL A 43 -13.26 10.12 0.66
N LEU A 44 -12.41 9.14 0.98
CA LEU A 44 -12.39 7.86 0.30
C LEU A 44 -13.28 6.88 1.05
N LEU A 45 -14.24 6.27 0.35
CA LEU A 45 -15.17 5.31 0.95
C LEU A 45 -14.81 3.92 0.43
N LYS A 46 -14.34 3.04 1.32
CA LYS A 46 -13.96 1.68 0.95
C LYS A 46 -15.06 0.77 1.49
N VAL A 47 -15.72 0.04 0.60
CA VAL A 47 -16.92 -0.71 0.95
C VAL A 47 -16.66 -2.20 0.76
N LEU A 48 -16.79 -2.96 1.84
CA LEU A 48 -16.65 -4.41 1.73
C LEU A 48 -17.85 -5.00 0.99
N ASP A 49 -17.59 -5.83 -0.02
CA ASP A 49 -18.69 -6.46 -0.75
C ASP A 49 -19.62 -7.19 0.22
N LYS A 50 -20.94 -7.01 0.03
CA LYS A 50 -21.90 -7.70 0.88
C LYS A 50 -21.72 -9.22 0.82
N ALA A 51 -21.42 -9.75 -0.37
CA ALA A 51 -21.23 -11.19 -0.51
C ALA A 51 -20.04 -11.71 0.27
N HIS A 52 -19.09 -10.85 0.65
CA HIS A 52 -17.91 -11.21 1.41
C HIS A 52 -17.93 -10.62 2.81
N ARG A 53 -19.14 -10.38 3.34
CA ARG A 53 -19.30 -9.90 4.71
C ARG A 53 -18.49 -10.71 5.72
N ASN A 54 -18.27 -12.00 5.45
CA ASN A 54 -17.55 -12.84 6.39
C ASN A 54 -16.11 -12.39 6.61
N TYR A 55 -15.59 -11.52 5.75
CA TYR A 55 -14.24 -10.98 5.91
C TYR A 55 -14.19 -9.70 6.73
N SER A 56 -15.33 -9.30 7.33
CA SER A 56 -15.40 -7.98 7.93
C SER A 56 -14.32 -7.78 8.99
N GLU A 57 -14.12 -8.77 9.86
CA GLU A 57 -13.10 -8.66 10.89
C GLU A 57 -11.75 -8.31 10.27
N SER A 58 -11.31 -9.11 9.29
CA SER A 58 -10.00 -8.83 8.72
C SER A 58 -10.02 -7.52 7.95
N PHE A 59 -11.16 -7.21 7.32
CA PHE A 59 -11.29 -5.95 6.59
C PHE A 59 -11.02 -4.77 7.53
N PHE A 60 -11.58 -4.81 8.73
CA PHE A 60 -11.41 -3.68 9.63
C PHE A 60 -10.08 -3.76 10.36
N GLU A 61 -9.56 -4.98 10.57
CA GLU A 61 -8.30 -5.10 11.29
C GLU A 61 -7.18 -4.44 10.51
N ALA A 62 -7.25 -4.54 9.17
CA ALA A 62 -6.34 -3.81 8.31
C ALA A 62 -6.32 -2.35 8.71
N ALA A 63 -7.49 -1.72 8.69
CA ALA A 63 -7.55 -0.32 9.06
C ALA A 63 -7.06 -0.11 10.49
N SER A 64 -7.43 -1.01 11.40
CA SER A 64 -7.09 -0.78 12.79
C SER A 64 -5.59 -0.77 12.93
N MET A 65 -4.90 -1.62 12.15
CA MET A 65 -3.45 -1.63 12.16
C MET A 65 -2.92 -0.23 11.89
N MET A 66 -3.36 0.36 10.77
CA MET A 66 -2.89 1.68 10.37
C MET A 66 -3.15 2.73 11.45
N SER A 67 -4.26 2.59 12.18
CA SER A 67 -4.68 3.61 13.14
C SER A 67 -4.16 3.34 14.54
N LYS A 68 -3.46 2.21 14.73
CA LYS A 68 -2.81 1.97 16.01
C LYS A 68 -1.84 3.10 16.32
N LEU A 69 -1.07 3.52 15.33
CA LEU A 69 -0.04 4.53 15.45
C LEU A 69 -0.32 5.71 14.53
N SER A 70 0.14 6.88 14.94
CA SER A 70 0.01 8.11 14.17
C SER A 70 1.37 8.45 13.55
N HIS A 71 1.41 8.71 12.24
CA HIS A 71 2.68 9.03 11.59
C HIS A 71 2.41 9.81 10.31
N LYS A 72 3.34 10.73 9.96
CA LYS A 72 3.09 11.59 8.81
C LYS A 72 3.01 10.83 7.50
N HIS A 73 3.56 9.61 7.44
CA HIS A 73 3.56 8.80 6.22
C HIS A 73 2.51 7.69 6.21
N LEU A 74 1.55 7.69 7.14
CA LEU A 74 0.49 6.68 7.17
C LEU A 74 -0.85 7.35 6.90
N VAL A 75 -1.65 6.73 6.01
CA VAL A 75 -2.98 7.28 5.67
C VAL A 75 -3.81 7.45 6.93
N LEU A 76 -4.62 8.50 6.95
CA LEU A 76 -5.57 8.71 8.04
C LEU A 76 -6.86 7.93 7.79
N ASN A 77 -7.28 7.13 8.77
CA ASN A 77 -8.65 6.61 8.79
C ASN A 77 -9.51 7.52 9.62
N TYR A 78 -10.61 8.02 9.01
CA TYR A 78 -11.53 8.86 9.75
C TYR A 78 -12.45 8.05 10.63
N GLY A 79 -12.81 6.85 10.19
CA GLY A 79 -13.74 6.09 11.01
C GLY A 79 -14.38 5.00 10.17
N VAL A 80 -15.46 4.44 10.71
CA VAL A 80 -16.15 3.37 10.00
C VAL A 80 -17.64 3.69 9.99
N CYS A 81 -18.33 3.20 8.97
CA CYS A 81 -19.79 3.23 8.95
C CYS A 81 -20.24 1.79 8.83
N VAL A 82 -20.89 1.29 9.88
CA VAL A 82 -21.43 -0.06 9.89
C VAL A 82 -22.95 -0.05 10.07
N CYS A 83 -23.59 1.08 9.76
CA CYS A 83 -25.03 1.16 9.73
C CYS A 83 -25.61 0.09 8.80
N GLY A 84 -26.73 -0.49 9.21
CA GLY A 84 -27.40 -1.46 8.36
C GLY A 84 -26.47 -2.58 7.96
N ASP A 85 -26.52 -2.94 6.67
CA ASP A 85 -25.83 -4.10 6.12
C ASP A 85 -24.48 -3.75 5.50
N GLU A 86 -24.01 -2.52 5.60
CA GLU A 86 -22.79 -2.10 4.92
C GLU A 86 -21.62 -2.13 5.89
N ASN A 87 -20.44 -2.45 5.36
CA ASN A 87 -19.19 -2.34 6.11
C ASN A 87 -18.31 -1.36 5.36
N ILE A 88 -18.17 -0.15 5.90
CA ILE A 88 -17.54 0.95 5.18
C ILE A 88 -16.40 1.50 6.01
N LEU A 89 -15.24 1.63 5.38
CA LEU A 89 -14.09 2.32 5.94
C LEU A 89 -14.02 3.71 5.31
N VAL A 90 -13.90 4.75 6.15
CA VAL A 90 -13.83 6.14 5.71
C VAL A 90 -12.42 6.63 5.94
N GLN A 91 -11.75 7.02 4.83
CA GLN A 91 -10.33 7.39 4.84
C GLN A 91 -10.11 8.76 4.20
N GLU A 92 -8.97 9.36 4.51
CA GLU A 92 -8.65 10.63 3.90
C GLU A 92 -8.61 10.48 2.38
N PHE A 93 -9.12 11.48 1.68
CA PHE A 93 -9.04 11.49 0.24
C PHE A 93 -7.70 12.11 -0.19
N VAL A 94 -6.93 11.36 -0.97
CA VAL A 94 -5.59 11.78 -1.37
C VAL A 94 -5.67 12.15 -2.84
N LYS A 95 -5.54 13.45 -3.11
CA LYS A 95 -5.89 14.04 -4.39
C LYS A 95 -5.28 13.29 -5.58
N PHE A 96 -4.00 12.95 -5.52
CA PHE A 96 -3.34 12.44 -6.72
C PHE A 96 -3.38 10.93 -6.83
N GLY A 97 -4.08 10.23 -5.91
CA GLY A 97 -4.31 8.81 -6.08
C GLY A 97 -3.09 7.96 -5.77
N SER A 98 -3.12 6.73 -6.27
N SER A 98 -3.14 6.72 -6.26
CA SER A 98 -2.08 5.78 -5.94
CA SER A 98 -2.11 5.71 -6.02
C SER A 98 -0.90 5.87 -6.90
C SER A 98 -0.87 6.00 -6.86
N LEU A 99 0.27 5.44 -6.40
CA LEU A 99 1.51 5.65 -7.09
C LEU A 99 1.63 4.84 -8.37
N ASP A 100 1.02 3.65 -8.44
CA ASP A 100 1.18 2.89 -9.68
C ASP A 100 0.56 3.66 -10.85
N THR A 101 -0.64 4.21 -10.64
CA THR A 101 -1.26 4.99 -11.70
C THR A 101 -0.46 6.24 -12.01
N TYR A 102 -0.06 6.95 -10.97
CA TYR A 102 0.70 8.19 -11.15
C TYR A 102 1.99 7.95 -11.92
N LEU A 103 2.68 6.85 -11.59
CA LEU A 103 3.94 6.53 -12.26
C LEU A 103 3.71 6.24 -13.73
N LYS A 104 2.63 5.52 -14.04
CA LYS A 104 2.35 5.23 -15.44
C LYS A 104 2.02 6.51 -16.21
N LYS A 105 1.22 7.40 -15.62
CA LYS A 105 0.79 8.61 -16.30
C LYS A 105 1.91 9.63 -16.44
N ASN A 106 2.83 9.68 -15.48
CA ASN A 106 3.81 10.76 -15.41
C ASN A 106 5.24 10.27 -15.62
N LYS A 107 5.41 9.18 -16.38
CA LYS A 107 6.73 8.62 -16.67
C LYS A 107 7.72 9.71 -17.09
N ASN A 108 7.40 10.39 -18.20
CA ASN A 108 8.33 11.29 -18.87
C ASN A 108 8.94 12.33 -17.93
N CYS A 109 8.29 12.64 -16.81
CA CYS A 109 8.78 13.69 -15.93
C CYS A 109 9.01 13.18 -14.50
N ILE A 110 9.34 11.91 -14.36
CA ILE A 110 9.77 11.34 -13.09
C ILE A 110 11.21 10.87 -13.27
N ASN A 111 12.14 11.49 -12.56
CA ASN A 111 13.54 11.15 -12.69
C ASN A 111 14.02 10.38 -11.47
N ILE A 112 15.32 10.06 -11.46
CA ILE A 112 15.85 9.17 -10.44
C ILE A 112 15.77 9.82 -9.06
N LEU A 113 15.92 11.14 -8.97
CA LEU A 113 15.82 11.83 -7.68
C LEU A 113 14.40 11.74 -7.11
N TRP A 114 13.38 11.89 -7.96
CA TRP A 114 12.01 11.69 -7.51
C TRP A 114 11.81 10.28 -6.96
N LYS A 115 12.30 9.27 -7.71
CA LYS A 115 12.17 7.89 -7.24
C LYS A 115 12.90 7.68 -5.92
N LEU A 116 14.09 8.28 -5.77
CA LEU A 116 14.87 8.13 -4.55
C LEU A 116 14.16 8.77 -3.37
N GLU A 117 13.57 9.94 -3.57
CA GLU A 117 12.86 10.60 -2.49
C GLU A 117 11.66 9.78 -2.06
N VAL A 118 10.88 9.28 -3.03
CA VAL A 118 9.74 8.44 -2.69
C VAL A 118 10.18 7.16 -1.99
N ALA A 119 11.24 6.53 -2.49
CA ALA A 119 11.77 5.33 -1.86
C ALA A 119 12.15 5.61 -0.42
N LYS A 120 12.81 6.76 -0.18
CA LYS A 120 13.24 7.12 1.16
C LYS A 120 12.04 7.32 2.09
N GLN A 121 10.98 7.94 1.58
CA GLN A 121 9.79 8.15 2.41
C GLN A 121 9.11 6.83 2.73
N LEU A 122 8.99 5.93 1.74
CA LEU A 122 8.38 4.65 2.02
C LEU A 122 9.22 3.88 3.04
N ALA A 123 10.55 3.94 2.88
CA ALA A 123 11.41 3.27 3.85
C ALA A 123 11.26 3.88 5.23
N ALA A 124 11.08 5.19 5.33
CA ALA A 124 10.86 5.81 6.64
C ALA A 124 9.58 5.30 7.30
N ALA A 125 8.49 5.22 6.53
CA ALA A 125 7.25 4.65 7.06
C ALA A 125 7.44 3.21 7.51
N MET A 126 8.17 2.41 6.72
CA MET A 126 8.38 1.02 7.10
C MET A 126 9.31 0.90 8.30
N HIS A 127 10.28 1.80 8.44
CA HIS A 127 11.15 1.79 9.61
C HIS A 127 10.33 2.06 10.86
N PHE A 128 9.40 3.01 10.74
CA PHE A 128 8.50 3.30 11.84
C PHE A 128 7.68 2.08 12.22
N LEU A 129 7.13 1.37 11.22
CA LEU A 129 6.37 0.17 11.53
C LEU A 129 7.27 -0.90 12.15
N GLU A 130 8.49 -1.06 11.62
CA GLU A 130 9.40 -2.08 12.10
C GLU A 130 9.80 -1.81 13.54
N GLU A 131 10.06 -0.55 13.88
CA GLU A 131 10.42 -0.19 15.26
C GLU A 131 9.26 -0.49 16.20
N ASN A 132 8.03 -0.39 15.71
CA ASN A 132 6.84 -0.71 16.46
C ASN A 132 6.43 -2.18 16.32
N THR A 133 7.26 -2.99 15.65
CA THR A 133 6.96 -4.40 15.41
C THR A 133 5.53 -4.59 14.88
N LEU A 134 5.14 -3.75 13.93
CA LEU A 134 3.82 -3.79 13.32
C LEU A 134 3.93 -4.23 11.87
N ILE A 135 3.34 -5.38 11.55
CA ILE A 135 3.33 -5.91 10.18
C ILE A 135 2.27 -5.19 9.37
N HIS A 136 2.64 -4.77 8.15
CA HIS A 136 1.66 -4.21 7.21
C HIS A 136 1.02 -5.33 6.39
N GLY A 137 1.85 -6.07 5.65
CA GLY A 137 1.41 -7.27 4.97
C GLY A 137 1.00 -7.08 3.52
N ASN A 138 0.96 -5.87 3.01
CA ASN A 138 0.57 -5.70 1.61
C ASN A 138 1.19 -4.39 1.11
N VAL A 139 2.51 -4.29 1.19
CA VAL A 139 3.19 -3.12 0.65
C VAL A 139 3.25 -3.26 -0.87
N CYS A 140 2.76 -2.26 -1.59
CA CYS A 140 2.80 -2.30 -3.05
C CYS A 140 2.47 -0.89 -3.55
N ALA A 141 2.78 -0.61 -4.81
CA ALA A 141 2.61 0.75 -5.30
C ALA A 141 1.14 1.17 -5.32
N LYS A 142 0.22 0.22 -5.50
CA LYS A 142 -1.20 0.59 -5.44
C LYS A 142 -1.59 1.10 -4.06
N ASN A 143 -0.82 0.73 -3.03
CA ASN A 143 -1.10 1.14 -1.66
C ASN A 143 -0.21 2.30 -1.21
N ILE A 144 0.45 2.98 -2.14
CA ILE A 144 1.16 4.22 -1.83
C ILE A 144 0.41 5.36 -2.49
N LEU A 145 0.08 6.38 -1.70
CA LEU A 145 -0.74 7.49 -2.18
C LEU A 145 0.11 8.74 -2.27
N LEU A 146 -0.07 9.49 -3.36
CA LEU A 146 0.67 10.73 -3.58
C LEU A 146 -0.14 11.90 -3.02
N ILE A 147 0.33 12.43 -1.87
CA ILE A 147 -0.29 13.58 -1.22
C ILE A 147 0.03 14.87 -1.96
N ARG A 148 1.28 15.03 -2.39
CA ARG A 148 1.74 16.27 -2.96
C ARG A 148 2.71 15.97 -4.09
N GLU A 149 2.53 16.66 -5.21
CA GLU A 149 3.44 16.52 -6.33
C GLU A 149 4.75 17.25 -6.05
N GLU A 150 5.82 16.76 -6.66
CA GLU A 150 7.07 17.50 -6.65
C GLU A 150 6.88 18.84 -7.35
N ASP A 151 7.42 19.89 -6.73
CA ASP A 151 7.45 21.23 -7.31
C ASP A 151 8.91 21.67 -7.35
N ARG A 152 9.58 21.41 -8.47
CA ARG A 152 10.96 21.88 -8.63
C ARG A 152 11.05 23.40 -8.58
N LYS A 153 9.95 24.11 -8.83
CA LYS A 153 9.96 25.57 -8.76
C LYS A 153 10.16 26.09 -7.35
N THR A 154 9.67 25.38 -6.34
CA THR A 154 9.90 25.71 -4.94
C THR A 154 10.75 24.67 -4.23
N GLY A 155 11.41 23.78 -4.97
CA GLY A 155 12.22 22.75 -4.36
C GLY A 155 11.48 21.70 -3.55
N ASN A 156 10.15 21.79 -3.51
CA ASN A 156 9.33 20.85 -2.74
C ASN A 156 9.42 19.44 -3.31
N PRO A 157 9.82 18.45 -2.54
CA PRO A 157 9.78 17.07 -3.03
C PRO A 157 8.34 16.57 -3.07
N PRO A 158 8.09 15.46 -3.77
CA PRO A 158 6.80 14.78 -3.60
C PRO A 158 6.67 14.28 -2.16
N PHE A 159 5.44 14.01 -1.75
CA PHE A 159 5.16 13.48 -0.43
C PHE A 159 4.14 12.35 -0.55
N ILE A 160 4.45 11.18 0.02
CA ILE A 160 3.57 10.02 -0.12
C ILE A 160 3.10 9.57 1.27
N LYS A 161 2.02 8.78 1.26
CA LYS A 161 1.60 8.04 2.45
C LYS A 161 1.36 6.59 2.08
N LEU A 162 1.57 5.70 3.06
CA LEU A 162 1.25 4.29 2.88
C LEU A 162 -0.19 4.04 3.32
N SER A 163 -0.97 3.41 2.45
CA SER A 163 -2.37 3.17 2.76
C SER A 163 -2.49 1.82 3.47
N ASP A 164 -3.71 1.43 3.86
CA ASP A 164 -3.89 0.22 4.64
C ASP A 164 -3.72 -1.03 3.78
N PRO A 165 -3.38 -2.18 4.39
CA PRO A 165 -3.08 -3.38 3.58
C PRO A 165 -4.29 -4.11 3.03
N GLY A 166 -5.52 -3.75 3.41
CA GLY A 166 -6.68 -4.54 3.02
C GLY A 166 -6.76 -5.88 3.76
N ILE A 167 -7.78 -6.68 3.42
CA ILE A 167 -7.93 -7.99 4.03
C ILE A 167 -6.60 -8.74 3.98
N SER A 168 -6.25 -9.39 5.09
CA SER A 168 -4.93 -10.00 5.27
C SER A 168 -4.73 -11.20 4.34
N ILE A 169 -3.49 -11.37 3.85
CA ILE A 169 -3.15 -12.58 3.10
C ILE A 169 -3.27 -13.82 3.96
N THR A 170 -3.27 -13.69 5.30
CA THR A 170 -3.46 -14.87 6.13
C THR A 170 -4.86 -15.46 6.01
N VAL A 171 -5.83 -14.74 5.45
CA VAL A 171 -7.19 -15.29 5.31
C VAL A 171 -7.66 -15.36 3.87
N LEU A 172 -6.88 -14.85 2.91
CA LEU A 172 -7.39 -14.82 1.55
C LEU A 172 -7.26 -16.18 0.87
N PRO A 173 -8.10 -16.46 -0.13
CA PRO A 173 -7.96 -17.72 -0.87
C PRO A 173 -6.58 -17.84 -1.52
N LYS A 174 -6.13 -19.10 -1.66
CA LYS A 174 -4.80 -19.34 -2.20
C LYS A 174 -4.62 -18.74 -3.59
N ASP A 175 -5.66 -18.81 -4.43
CA ASP A 175 -5.51 -18.31 -5.80
C ASP A 175 -5.22 -16.81 -5.84
N ILE A 176 -5.81 -16.05 -4.92
CA ILE A 176 -5.52 -14.62 -4.86
C ILE A 176 -4.08 -14.40 -4.43
N LEU A 177 -3.60 -15.14 -3.42
CA LEU A 177 -2.21 -14.99 -3.02
C LEU A 177 -1.28 -15.30 -4.19
N GLN A 178 -1.59 -16.35 -4.95
CA GLN A 178 -0.71 -16.67 -6.06
C GLN A 178 -0.73 -15.58 -7.11
N GLU A 179 -1.91 -14.99 -7.36
CA GLU A 179 -1.96 -13.89 -8.32
C GLU A 179 -1.11 -12.72 -7.85
N ARG A 180 -0.88 -12.60 -6.53
CA ARG A 180 -0.14 -11.49 -5.96
C ARG A 180 1.37 -11.76 -5.88
N ILE A 181 1.84 -12.88 -6.40
CA ILE A 181 3.28 -13.00 -6.63
C ILE A 181 3.70 -11.95 -7.64
N PRO A 182 4.82 -11.23 -7.47
CA PRO A 182 5.90 -11.35 -6.47
C PRO A 182 5.85 -10.33 -5.33
N TRP A 183 4.67 -9.78 -5.01
CA TRP A 183 4.55 -8.99 -3.78
C TRP A 183 4.47 -9.89 -2.56
N VAL A 184 3.69 -10.96 -2.64
CA VAL A 184 3.62 -11.92 -1.56
C VAL A 184 4.91 -12.71 -1.58
N PRO A 185 5.65 -12.78 -0.47
CA PRO A 185 6.96 -13.43 -0.49
C PRO A 185 6.84 -14.95 -0.54
N PRO A 186 7.92 -15.63 -0.98
CA PRO A 186 7.84 -17.09 -1.15
C PRO A 186 7.42 -17.83 0.11
N GLU A 187 7.87 -17.39 1.29
CA GLU A 187 7.54 -18.12 2.49
C GLU A 187 6.06 -18.03 2.81
N CYS A 188 5.40 -16.99 2.30
CA CYS A 188 3.97 -16.82 2.53
C CYS A 188 3.14 -17.59 1.51
N ILE A 189 3.70 -17.84 0.32
CA ILE A 189 3.09 -18.79 -0.58
C ILE A 189 3.15 -20.17 0.01
N GLU A 190 4.31 -20.55 0.57
CA GLU A 190 4.42 -21.85 1.24
C GLU A 190 3.45 -21.97 2.40
N ASN A 191 3.30 -20.91 3.18
CA ASN A 191 2.42 -20.93 4.34
C ASN A 191 2.03 -19.50 4.67
N PRO A 192 0.80 -19.11 4.35
CA PRO A 192 0.39 -17.72 4.62
C PRO A 192 0.53 -17.33 6.08
N LYS A 193 0.47 -18.29 7.01
CA LYS A 193 0.70 -17.97 8.42
C LYS A 193 2.15 -17.58 8.72
N ASN A 194 3.07 -17.71 7.76
CA ASN A 194 4.45 -17.25 7.88
C ASN A 194 4.57 -15.73 7.78
N LEU A 195 3.45 -15.01 7.75
CA LEU A 195 3.48 -13.55 7.71
C LEU A 195 4.24 -13.00 8.91
N ASN A 196 5.18 -12.08 8.65
CA ASN A 196 6.19 -11.67 9.62
C ASN A 196 6.72 -10.29 9.21
N LEU A 197 7.51 -9.67 10.08
CA LEU A 197 8.12 -8.40 9.66
C LEU A 197 8.96 -8.57 8.39
N ALA A 198 9.66 -9.71 8.24
CA ALA A 198 10.46 -9.95 7.02
C ALA A 198 9.61 -9.92 5.75
N THR A 199 8.31 -10.26 5.87
CA THR A 199 7.41 -10.17 4.73
C THR A 199 7.46 -8.81 4.07
N ASP A 200 7.37 -7.76 4.91
CA ASP A 200 7.31 -6.41 4.39
C ASP A 200 8.60 -6.01 3.70
N LYS A 201 9.75 -6.55 4.12
CA LYS A 201 10.99 -6.22 3.43
C LYS A 201 10.97 -6.76 2.02
N TRP A 202 10.46 -7.99 1.85
CA TRP A 202 10.37 -8.52 0.48
C TRP A 202 9.44 -7.66 -0.37
N SER A 203 8.24 -7.38 0.14
CA SER A 203 7.28 -6.61 -0.63
C SER A 203 7.79 -5.21 -0.93
N PHE A 204 8.48 -4.61 0.04
CA PHE A 204 9.16 -3.36 -0.20
C PHE A 204 10.06 -3.44 -1.43
N GLY A 205 10.86 -4.51 -1.54
CA GLY A 205 11.67 -4.66 -2.75
C GLY A 205 10.82 -4.66 -4.01
N THR A 206 9.73 -5.42 -3.99
CA THR A 206 8.88 -5.46 -5.19
C THR A 206 8.32 -4.06 -5.51
N THR A 207 7.97 -3.31 -4.47
CA THR A 207 7.41 -1.97 -4.65
C THR A 207 8.45 -1.02 -5.23
N LEU A 208 9.69 -1.07 -4.74
CA LEU A 208 10.75 -0.29 -5.37
C LEU A 208 10.90 -0.64 -6.84
N TRP A 209 10.77 -1.93 -7.17
CA TRP A 209 10.80 -2.29 -8.58
C TRP A 209 9.68 -1.58 -9.36
N GLU A 210 8.45 -1.57 -8.80
CA GLU A 210 7.38 -0.83 -9.47
C GLU A 210 7.76 0.64 -9.66
N ILE A 211 8.27 1.26 -8.59
CA ILE A 211 8.64 2.68 -8.65
C ILE A 211 9.65 2.94 -9.75
N CYS A 212 10.59 2.01 -9.93
CA CYS A 212 11.63 2.21 -10.94
C CYS A 212 11.21 1.77 -12.34
N SER A 213 10.06 1.13 -12.47
CA SER A 213 9.58 0.59 -13.74
C SER A 213 8.38 1.36 -14.30
N GLY A 214 8.22 2.62 -13.92
CA GLY A 214 7.14 3.43 -14.47
C GLY A 214 5.77 2.87 -14.17
N GLY A 215 5.62 2.14 -13.08
CA GLY A 215 4.35 1.56 -12.74
C GLY A 215 4.03 0.22 -13.38
N ASP A 216 4.94 -0.35 -14.18
CA ASP A 216 4.75 -1.71 -14.69
C ASP A 216 4.53 -2.67 -13.54
N LYS A 217 3.85 -3.78 -13.81
CA LYS A 217 3.63 -4.80 -12.81
C LYS A 217 4.61 -5.93 -13.03
N PRO A 218 5.46 -6.25 -12.07
CA PRO A 218 6.43 -7.31 -12.30
C PRO A 218 5.74 -8.66 -12.50
N LEU A 219 6.24 -9.43 -13.44
CA LEU A 219 5.75 -10.76 -13.76
C LEU A 219 4.31 -10.78 -14.25
N SER A 220 3.77 -9.65 -14.72
CA SER A 220 2.37 -9.65 -15.15
C SER A 220 2.14 -10.60 -16.32
N ALA A 221 3.19 -10.87 -17.12
CA ALA A 221 3.01 -11.78 -18.24
C ALA A 221 2.93 -13.24 -17.83
N LEU A 222 3.22 -13.56 -16.57
CA LEU A 222 3.18 -14.92 -16.04
C LEU A 222 1.80 -15.22 -15.46
N ASP A 223 1.19 -16.31 -15.88
CA ASP A 223 -0.02 -16.71 -15.16
C ASP A 223 0.38 -17.27 -13.80
N SER A 224 -0.62 -17.61 -12.98
CA SER A 224 -0.38 -18.01 -11.59
C SER A 224 0.55 -19.21 -11.49
N GLN A 225 0.34 -20.21 -12.34
CA GLN A 225 1.19 -21.39 -12.30
C GLN A 225 2.63 -21.01 -12.59
N ARG A 226 2.84 -20.13 -13.57
CA ARG A 226 4.19 -19.70 -13.88
C ARG A 226 4.77 -18.79 -12.78
N LYS A 227 3.94 -18.00 -12.10
CA LYS A 227 4.47 -17.23 -10.98
C LYS A 227 4.97 -18.15 -9.86
N LEU A 228 4.19 -19.22 -9.60
CA LEU A 228 4.62 -20.23 -8.63
C LEU A 228 5.97 -20.81 -9.01
N GLN A 229 6.09 -21.27 -10.26
CA GLN A 229 7.35 -21.86 -10.70
C GLN A 229 8.50 -20.86 -10.65
N PHE A 230 8.21 -19.57 -10.86
CA PHE A 230 9.21 -18.52 -10.69
C PHE A 230 9.80 -18.59 -9.29
N TYR A 231 8.95 -18.76 -8.27
CA TYR A 231 9.51 -18.91 -6.91
C TYR A 231 10.22 -20.25 -6.75
N GLU A 232 9.65 -21.33 -7.30
CA GLU A 232 10.24 -22.65 -7.16
C GLU A 232 11.66 -22.67 -7.72
N ASP A 233 11.89 -21.92 -8.81
CA ASP A 233 13.19 -21.88 -9.46
C ASP A 233 14.09 -20.78 -8.89
N ARG A 234 13.61 -20.04 -7.89
CA ARG A 234 14.42 -19.07 -7.14
C ARG A 234 14.89 -17.92 -8.02
N HIS A 235 14.05 -17.50 -8.96
CA HIS A 235 14.38 -16.39 -9.82
C HIS A 235 14.25 -15.05 -9.09
N GLN A 236 14.96 -14.04 -9.59
CA GLN A 236 14.83 -12.68 -9.11
C GLN A 236 14.25 -11.82 -10.23
N LEU A 237 13.77 -10.65 -9.89
CA LEU A 237 13.18 -9.81 -10.91
C LEU A 237 14.29 -9.26 -11.81
N PRO A 238 13.99 -8.98 -13.08
CA PRO A 238 14.95 -8.29 -13.92
C PRO A 238 15.20 -6.90 -13.36
N ALA A 239 16.41 -6.41 -13.61
CA ALA A 239 16.70 -5.04 -13.19
C ALA A 239 15.81 -4.09 -13.98
N PRO A 240 15.20 -3.11 -13.33
CA PRO A 240 14.51 -2.05 -14.09
C PRO A 240 15.47 -1.35 -15.04
N LYS A 241 14.92 -0.80 -16.13
CA LYS A 241 15.77 -0.10 -17.10
C LYS A 241 16.52 1.04 -16.42
N ALA A 242 15.83 1.84 -15.63
CA ALA A 242 16.47 2.74 -14.66
C ALA A 242 16.87 1.88 -13.47
N ALA A 243 18.11 1.39 -13.50
CA ALA A 243 18.52 0.29 -12.64
C ALA A 243 19.23 0.74 -11.36
N GLU A 244 19.08 2.02 -10.98
CA GLU A 244 19.85 2.58 -9.86
C GLU A 244 19.58 1.85 -8.55
N LEU A 245 18.36 1.35 -8.36
CA LEU A 245 17.95 0.68 -7.14
C LEU A 245 17.89 -0.83 -7.29
N ALA A 246 18.43 -1.39 -8.37
CA ALA A 246 18.30 -2.83 -8.63
C ALA A 246 18.96 -3.68 -7.54
N ASN A 247 20.15 -3.27 -7.07
CA ASN A 247 20.79 -4.08 -6.04
C ASN A 247 19.99 -4.07 -4.75
N LEU A 248 19.46 -2.90 -4.38
CA LEU A 248 18.59 -2.83 -3.19
C LEU A 248 17.34 -3.70 -3.37
N ILE A 249 16.73 -3.65 -4.56
CA ILE A 249 15.54 -4.48 -4.80
C ILE A 249 15.88 -5.95 -4.55
N ASN A 250 16.99 -6.41 -5.13
CA ASN A 250 17.31 -7.83 -4.98
C ASN A 250 17.74 -8.18 -3.57
N ASN A 251 18.42 -7.26 -2.88
CA ASN A 251 18.78 -7.51 -1.49
C ASN A 251 17.56 -7.63 -0.59
N CYS A 252 16.50 -6.84 -0.86
CA CYS A 252 15.25 -6.96 -0.10
C CYS A 252 14.50 -8.21 -0.46
N MET A 253 14.48 -8.57 -1.75
CA MET A 253 13.80 -9.77 -2.20
C MET A 253 14.72 -10.98 -2.02
N ASP A 254 15.11 -11.21 -0.77
CA ASP A 254 15.99 -12.33 -0.46
C ASP A 254 15.15 -13.53 -0.13
N TYR A 255 15.42 -14.66 -0.79
CA TYR A 255 14.63 -15.86 -0.50
C TYR A 255 14.81 -16.35 0.94
N GLU A 256 15.89 -15.97 1.62
CA GLU A 256 16.02 -16.28 3.05
C GLU A 256 15.46 -15.11 3.83
N PRO A 257 14.28 -15.24 4.47
CA PRO A 257 13.69 -14.08 5.17
C PRO A 257 14.58 -13.46 6.23
N ASP A 258 15.39 -14.28 6.92
CA ASP A 258 16.23 -13.77 8.00
C ASP A 258 17.39 -12.91 7.50
N HIS A 259 17.68 -12.95 6.22
CA HIS A 259 18.77 -12.21 5.63
C HIS A 259 18.34 -10.88 5.06
N ARG A 260 17.04 -10.61 5.02
CA ARG A 260 16.59 -9.36 4.44
C ARG A 260 17.01 -8.22 5.35
N PRO A 261 17.50 -7.12 4.78
CA PRO A 261 18.07 -6.05 5.60
C PRO A 261 17.01 -5.31 6.41
N SER A 262 17.44 -4.81 7.57
CA SER A 262 16.56 -3.97 8.37
C SER A 262 16.23 -2.68 7.62
N PHE A 263 15.10 -2.07 7.95
CA PHE A 263 14.82 -0.81 7.26
C PHE A 263 15.82 0.30 7.62
N ARG A 264 16.47 0.24 8.79
CA ARG A 264 17.55 1.20 9.04
C ARG A 264 18.69 1.02 8.04
N ALA A 265 19.04 -0.25 7.75
CA ALA A 265 20.09 -0.52 6.78
C ALA A 265 19.65 -0.11 5.38
N ILE A 266 18.39 -0.35 5.07
CA ILE A 266 17.81 0.08 3.79
C ILE A 266 17.92 1.59 3.64
N ILE A 267 17.57 2.33 4.69
CA ILE A 267 17.63 3.79 4.63
C ILE A 267 19.08 4.24 4.45
N ARG A 268 19.99 3.61 5.19
CA ARG A 268 21.41 3.94 5.02
C ARG A 268 21.86 3.73 3.56
N ASP A 269 21.45 2.62 2.95
CA ASP A 269 21.76 2.35 1.55
C ASP A 269 21.18 3.41 0.63
N LEU A 270 19.90 3.79 0.84
CA LEU A 270 19.31 4.81 0.01
C LEU A 270 20.05 6.13 0.14
N ASN A 271 20.48 6.48 1.36
CA ASN A 271 21.15 7.74 1.56
C ASN A 271 22.50 7.77 0.85
N SER A 272 23.07 6.60 0.57
CA SER A 272 24.39 6.55 -0.04
C SER A 272 24.37 6.93 -1.52
N LEU A 273 23.19 7.05 -2.13
CA LEU A 273 23.08 7.41 -3.54
C LEU A 273 22.69 8.88 -3.71
#